data_8AG0
#
_entry.id   8AG0
#
_cell.length_a   62.300
_cell.length_b   66.815
_cell.length_c   82.140
_cell.angle_alpha   90.000
_cell.angle_beta   96.460
_cell.angle_gamma   90.000
#
_symmetry.space_group_name_H-M   'P 1 21 1'
#
loop_
_entity.id
_entity.type
_entity.pdbx_description
1 polymer 'PRELI domain containing protein 3A'
2 polymer 'Maltose/maltodextrin-binding periplasmic protein,TP53-regulated inhibitor of apoptosis 1'
3 branched alpha-D-glucopyranose-(1-4)-beta-D-glucopyranose
4 water water
#
loop_
_entity_poly.entity_id
_entity_poly.type
_entity_poly.pdbx_seq_one_letter_code
_entity_poly.pdbx_strand_id
1 'polypeptide(L)'
;MAHHHHHHVDDDDKMKIWSSEHVFGHPWDTVIQAAMRKYPNPMNPSVLGVDVLQRRVDGRGRLHSLELLSTEWGLPSLVR
AILGTSRTLTYIREHSVVDPVEKKMELCSTNITLTNLVSVNERLVYTPHPENPEMTVLTQEAIITVKGISLGSYLESLMA
NTISSNAKKGWAAIEWIIEHSESAVS
;
A
2 'polypeptide(L)'
;MKIEEGKLVIWINGDKGYNGLAEVGKKFEKDTGIKVTVEHPDKLEEKFPQVAATGDGPDIIFWAHDRFGGYAQSGLLAEI
TPAAAFQDKLYPFTWDAVRYNGKLIAYPIAVEALSLIYNKDLLPNPPKTWEEIPALDKELKAKGKSALMFNLQEPYFTWP
LIAADGGYAFKYAAGKYDIKDVGVDNAGAKAGLTFLVDLIKNKHMNADTDYSIAEAAFNKGETAMTINGPWAWSNIDTSA
VNYGVTVLPTFKGQPSKPFVGVLSAGINAASPNKELAKEFLENYLLTDEGLEAVNKDKPLGAVALKSYEEELAKDPRIAA
TMENAQKGEIMPNIPQMSAFWYAVRTAVINAASGRQTVDAALAAAQTNAAANSVGEACTDMKREYDQCFNRWFAEKFLKG
DSSGDPCTDLFKRYQQCVQKAIKEKEIPIEGLEFMGHGKEKPENSS
;
B
#
loop_
_chem_comp.id
_chem_comp.type
_chem_comp.name
_chem_comp.formula
BGC D-saccharide, beta linking beta-D-glucopyranose 'C6 H12 O6'
GLC D-saccharide, alpha linking alpha-D-glucopyranose 'C6 H12 O6'
#
# COMPACT_ATOMS: atom_id res chain seq x y z
N MET A 15 26.22 -0.01 -12.94
CA MET A 15 26.79 1.30 -13.25
C MET A 15 26.17 1.83 -14.56
N LYS A 16 24.86 1.56 -14.70
CA LYS A 16 24.08 1.79 -15.91
C LYS A 16 23.56 3.24 -16.01
N ILE A 17 22.84 3.52 -17.10
CA ILE A 17 22.42 4.86 -17.49
C ILE A 17 20.91 4.88 -17.78
N TRP A 18 20.34 6.10 -17.80
CA TRP A 18 19.17 6.44 -18.62
C TRP A 18 19.26 7.94 -18.94
N SER A 19 19.27 8.28 -20.24
CA SER A 19 19.46 9.65 -20.69
C SER A 19 18.15 10.22 -21.25
N SER A 20 18.17 11.51 -21.58
CA SER A 20 17.03 12.20 -22.20
C SER A 20 17.41 13.65 -22.48
N GLU A 21 16.65 14.28 -23.39
CA GLU A 21 16.81 15.71 -23.69
C GLU A 21 15.45 16.26 -24.10
N HIS A 22 14.67 16.70 -23.10
CA HIS A 22 13.36 17.29 -23.35
C HIS A 22 13.49 18.77 -23.74
N VAL A 23 12.45 19.28 -24.38
CA VAL A 23 12.35 20.70 -24.74
C VAL A 23 11.06 21.27 -24.18
N PHE A 24 11.17 22.36 -23.42
CA PHE A 24 10.04 23.11 -22.89
C PHE A 24 9.72 24.29 -23.82
N GLY A 25 8.44 24.63 -23.87
CA GLY A 25 8.00 25.66 -24.79
C GLY A 25 7.79 27.01 -24.14
N HIS A 26 8.76 27.42 -23.33
CA HIS A 26 8.73 28.72 -22.67
C HIS A 26 10.16 29.20 -22.46
N PRO A 27 10.36 30.49 -22.22
CA PRO A 27 11.72 30.99 -21.99
C PRO A 27 12.41 30.24 -20.87
N TRP A 28 13.75 30.39 -20.84
CA TRP A 28 14.53 29.74 -19.80
C TRP A 28 14.19 30.28 -18.43
N ASP A 29 13.88 31.58 -18.36
CA ASP A 29 13.57 32.21 -17.08
C ASP A 29 12.43 31.49 -16.38
N THR A 30 11.30 31.32 -17.07
CA THR A 30 10.13 30.74 -16.41
C THR A 30 10.34 29.27 -16.06
N VAL A 31 11.00 28.51 -16.94
CA VAL A 31 11.27 27.10 -16.65
C VAL A 31 12.17 26.95 -15.44
N ILE A 32 12.98 27.96 -15.14
CA ILE A 32 13.85 27.92 -13.98
C ILE A 32 13.11 28.38 -12.73
N GLN A 33 12.37 29.48 -12.85
CA GLN A 33 11.42 29.87 -11.82
C GLN A 33 10.56 28.71 -11.40
N ALA A 34 10.08 27.92 -12.37
CA ALA A 34 9.34 26.70 -12.12
C ALA A 34 10.21 25.73 -11.35
N ALA A 35 11.27 25.24 -11.99
CA ALA A 35 12.07 24.16 -11.41
C ALA A 35 12.52 24.47 -9.99
N MET A 36 12.51 25.74 -9.60
CA MET A 36 12.97 26.15 -8.30
C MET A 36 11.86 26.16 -7.27
N ARG A 37 10.59 26.11 -7.71
CA ARG A 37 9.42 25.88 -6.86
C ARG A 37 8.65 24.64 -7.32
N LYS A 38 9.37 23.65 -7.85
CA LYS A 38 8.77 22.50 -8.51
C LYS A 38 7.84 21.70 -7.61
N TYR A 39 8.38 21.07 -6.58
CA TYR A 39 7.73 20.11 -5.70
C TYR A 39 7.39 20.72 -4.34
N PRO A 40 6.41 20.15 -3.61
CA PRO A 40 5.53 19.07 -4.06
C PRO A 40 4.54 19.66 -5.04
N ASN A 41 3.93 18.84 -5.88
CA ASN A 41 2.96 19.34 -6.83
C ASN A 41 2.22 18.14 -7.45
N PRO A 42 1.00 18.36 -7.96
CA PRO A 42 0.10 17.23 -8.23
C PRO A 42 0.56 16.33 -9.35
N MET A 43 1.45 16.78 -10.24
CA MET A 43 1.90 15.92 -11.30
C MET A 43 2.92 14.89 -10.84
N ASN A 44 3.32 14.94 -9.57
CA ASN A 44 4.20 13.92 -8.99
C ASN A 44 3.90 13.77 -7.51
N PRO A 45 2.91 12.94 -7.17
CA PRO A 45 2.55 12.77 -5.75
C PRO A 45 3.50 11.86 -4.98
N SER A 46 4.47 11.23 -5.66
CA SER A 46 5.49 10.47 -4.98
C SER A 46 6.54 11.36 -4.33
N VAL A 47 6.51 12.67 -4.57
CA VAL A 47 7.43 13.61 -3.94
C VAL A 47 6.67 14.26 -2.78
N LEU A 48 6.98 13.84 -1.57
CA LEU A 48 6.20 14.27 -0.42
C LEU A 48 6.56 15.67 0.04
N GLY A 49 7.76 16.12 -0.26
CA GLY A 49 8.09 17.49 0.04
C GLY A 49 9.58 17.74 -0.06
N VAL A 50 9.94 19.00 -0.21
CA VAL A 50 11.32 19.40 -0.46
C VAL A 50 11.75 20.37 0.61
N ASP A 51 12.81 20.04 1.32
CA ASP A 51 13.31 20.92 2.35
C ASP A 51 14.65 21.50 1.92
N VAL A 52 14.71 22.83 1.87
CA VAL A 52 15.92 23.54 1.45
C VAL A 52 16.82 23.70 2.67
N LEU A 53 17.95 22.99 2.65
CA LEU A 53 18.83 22.95 3.80
C LEU A 53 19.84 24.09 3.83
N GLN A 54 20.42 24.45 2.67
CA GLN A 54 21.37 25.56 2.61
C GLN A 54 21.29 26.24 1.25
N ARG A 55 21.31 27.57 1.25
CA ARG A 55 21.36 28.38 0.03
C ARG A 55 22.48 29.40 0.12
N ARG A 56 23.30 29.43 -0.91
CA ARG A 56 24.45 30.33 -0.98
C ARG A 56 24.58 30.87 -2.38
N VAL A 57 25.07 32.10 -2.50
CA VAL A 57 25.53 32.64 -3.76
C VAL A 57 27.05 32.65 -3.78
N ASP A 58 27.64 32.24 -4.88
CA ASP A 58 29.09 32.12 -4.94
C ASP A 58 29.73 33.39 -5.53
N GLY A 59 31.06 33.39 -5.61
CA GLY A 59 31.76 34.53 -6.15
C GLY A 59 31.34 34.93 -7.55
N ARG A 60 30.83 33.97 -8.33
CA ARG A 60 30.42 34.20 -9.70
C ARG A 60 28.95 34.60 -9.82
N GLY A 61 28.22 34.69 -8.70
CA GLY A 61 26.80 34.98 -8.73
C GLY A 61 25.92 33.79 -9.10
N ARG A 62 26.13 32.63 -8.49
CA ARG A 62 25.32 31.45 -8.78
C ARG A 62 24.70 30.93 -7.49
N LEU A 63 23.39 30.72 -7.52
CA LEU A 63 22.67 30.23 -6.34
C LEU A 63 22.96 28.75 -6.15
N HIS A 64 23.51 28.42 -5.01
CA HIS A 64 23.76 27.04 -4.61
C HIS A 64 22.72 26.67 -3.57
N SER A 65 21.91 25.64 -3.86
CA SER A 65 20.99 25.12 -2.86
C SER A 65 21.30 23.66 -2.60
N LEU A 66 21.26 23.29 -1.33
CA LEU A 66 21.17 21.89 -0.90
C LEU A 66 19.74 21.61 -0.43
N GLU A 67 19.02 20.76 -1.16
CA GLU A 67 17.66 20.38 -0.83
C GLU A 67 17.58 18.88 -0.53
N LEU A 68 16.77 18.53 0.45
CA LEU A 68 16.54 17.12 0.79
C LEU A 68 15.08 16.77 0.54
N LEU A 69 14.85 15.87 -0.41
CA LEU A 69 13.51 15.54 -0.83
C LEU A 69 13.00 14.31 -0.08
N SER A 70 11.68 14.23 0.07
CA SER A 70 11.02 13.08 0.68
C SER A 70 10.21 12.38 -0.41
N THR A 71 10.54 11.12 -0.68
CA THR A 71 9.98 10.43 -1.83
C THR A 71 9.19 9.19 -1.40
N GLU A 72 8.60 8.52 -2.38
CA GLU A 72 7.80 7.34 -2.11
C GLU A 72 8.21 6.17 -2.98
N TRP A 73 7.51 5.99 -4.09
CA TRP A 73 7.59 4.76 -4.89
C TRP A 73 8.67 4.81 -5.96
N GLY A 74 9.86 5.39 -5.63
CA GLY A 74 10.98 5.37 -6.54
C GLY A 74 11.87 4.16 -6.30
N LEU A 75 12.73 3.88 -7.29
CA LEU A 75 13.44 2.60 -7.44
C LEU A 75 14.22 2.12 -6.21
N PRO A 76 14.68 2.97 -5.30
CA PRO A 76 15.13 2.42 -4.01
C PRO A 76 14.02 1.69 -3.25
N SER A 77 12.74 1.92 -3.59
CA SER A 77 11.66 1.06 -3.09
C SER A 77 11.53 -0.23 -3.90
N LEU A 78 11.97 -0.24 -5.16
CA LEU A 78 11.99 -1.48 -5.93
C LEU A 78 12.93 -2.50 -5.30
N VAL A 79 13.95 -2.04 -4.57
CA VAL A 79 14.83 -2.97 -3.89
C VAL A 79 14.19 -3.48 -2.60
N ARG A 80 13.34 -2.67 -1.96
CA ARG A 80 12.54 -3.16 -0.83
C ARG A 80 11.77 -4.41 -1.21
N ALA A 81 11.42 -4.56 -2.50
CA ALA A 81 10.91 -5.82 -2.99
C ALA A 81 11.95 -6.92 -2.78
N ILE A 82 13.06 -6.88 -3.52
CA ILE A 82 14.07 -7.91 -3.37
C ILE A 82 14.65 -7.94 -1.95
N LEU A 83 14.75 -6.77 -1.29
CA LEU A 83 15.32 -6.70 0.05
C LEU A 83 14.40 -7.40 1.06
N GLY A 84 13.22 -6.83 1.35
CA GLY A 84 12.30 -7.48 2.26
C GLY A 84 11.28 -6.60 2.96
N THR A 85 11.70 -5.44 3.48
CA THR A 85 10.82 -4.50 4.18
C THR A 85 11.55 -3.18 4.43
N SER A 86 10.87 -2.04 4.17
CA SER A 86 11.39 -0.68 4.35
C SER A 86 10.28 0.34 3.98
N THR A 88 10.65 1.60 3.66
CA THR A 88 9.69 2.54 3.06
C THR A 88 10.34 3.81 2.49
N LEU A 89 10.46 4.87 3.31
CA LEU A 89 10.69 6.22 2.81
C LEU A 89 12.12 6.46 2.35
N THR A 90 12.26 7.09 1.19
CA THR A 90 13.57 7.29 0.60
C THR A 90 13.85 8.78 0.42
N TYR A 91 15.05 9.18 0.81
CA TYR A 91 15.45 10.59 0.91
C TYR A 91 16.47 10.91 -0.17
N ILE A 92 16.34 12.10 -0.76
CA ILE A 92 17.15 12.48 -1.90
C ILE A 92 17.92 13.76 -1.58
N ARG A 93 19.26 13.66 -1.54
CA ARG A 93 20.13 14.83 -1.48
C ARG A 93 20.19 15.47 -2.87
N GLU A 94 20.06 16.80 -2.93
CA GLU A 94 20.13 17.52 -4.21
C GLU A 94 20.91 18.81 -4.06
N HIS A 95 21.88 19.00 -4.94
CA HIS A 95 22.64 20.23 -5.06
C HIS A 95 22.26 20.89 -6.38
N SER A 96 21.80 22.13 -6.33
CA SER A 96 21.44 22.88 -7.53
C SER A 96 22.26 24.17 -7.61
N VAL A 97 22.64 24.51 -8.84
CA VAL A 97 23.31 25.76 -9.13
C VAL A 97 22.60 26.41 -10.31
N VAL A 98 22.18 27.66 -10.15
CA VAL A 98 21.63 28.43 -11.26
C VAL A 98 22.54 29.63 -11.51
N ASP A 99 23.13 29.71 -12.73
CA ASP A 99 23.88 30.87 -13.18
C ASP A 99 22.99 31.67 -14.12
N PRO A 100 22.36 32.77 -13.68
CA PRO A 100 21.61 33.63 -14.61
C PRO A 100 22.47 34.34 -15.65
N VAL A 101 23.77 34.56 -15.42
CA VAL A 101 24.56 35.16 -16.50
C VAL A 101 24.79 34.12 -17.61
N GLU A 102 25.25 32.93 -17.25
CA GLU A 102 25.45 31.88 -18.22
C GLU A 102 24.15 31.21 -18.69
N LYS A 103 23.03 31.49 -18.03
CA LYS A 103 21.71 30.98 -18.40
C LYS A 103 21.75 29.45 -18.44
N LYS A 104 21.92 28.90 -17.25
CA LYS A 104 22.19 27.47 -17.07
C LYS A 104 21.79 27.09 -15.67
N MET A 105 21.03 26.01 -15.55
CA MET A 105 20.63 25.46 -14.26
C MET A 105 21.18 24.04 -14.20
N GLU A 106 21.91 23.73 -13.15
CA GLU A 106 22.42 22.38 -12.93
C GLU A 106 21.91 21.82 -11.61
N LEU A 107 21.93 20.49 -11.53
CA LEU A 107 21.19 19.76 -10.50
C LEU A 107 21.61 18.30 -10.46
N CYS A 108 22.37 17.93 -9.43
CA CYS A 108 22.75 16.54 -9.17
C CYS A 108 22.01 16.04 -7.92
N SER A 109 21.59 14.78 -7.95
CA SER A 109 20.85 14.20 -6.82
C SER A 109 21.31 12.78 -6.54
N THR A 110 21.25 12.38 -5.27
CA THR A 110 21.52 11.01 -4.87
C THR A 110 20.48 10.58 -3.83
N ASN A 111 20.32 9.26 -3.70
CA ASN A 111 19.53 8.70 -2.61
C ASN A 111 20.37 8.63 -1.35
N ILE A 112 19.81 9.07 -0.23
CA ILE A 112 20.53 9.07 1.04
C ILE A 112 20.25 7.80 1.83
N THR A 113 19.00 7.33 1.79
CA THR A 113 18.58 6.15 2.52
C THR A 113 18.37 5.00 1.55
N LEU A 114 18.29 3.79 2.13
CA LEU A 114 18.20 2.55 1.37
C LEU A 114 19.34 2.43 0.37
N THR A 115 20.48 3.03 0.71
CA THR A 115 21.70 2.84 -0.06
C THR A 115 22.44 1.64 0.52
N ASN A 116 23.75 1.52 0.28
CA ASN A 116 24.49 0.28 0.50
C ASN A 116 24.03 -0.76 -0.52
N LEU A 117 22.72 -0.98 -0.62
CA LEU A 117 22.15 -1.78 -1.69
C LEU A 117 22.43 -1.14 -3.04
N VAL A 118 21.64 -0.13 -3.41
CA VAL A 118 21.76 0.56 -4.69
C VAL A 118 21.94 2.05 -4.43
N SER A 119 22.64 2.72 -5.36
CA SER A 119 22.82 4.17 -5.34
C SER A 119 22.45 4.70 -6.72
N VAL A 120 21.56 5.68 -6.78
CA VAL A 120 21.08 6.21 -8.06
C VAL A 120 21.35 7.71 -8.11
N ASN A 121 22.17 8.11 -9.10
CA ASN A 121 22.67 9.47 -9.28
C ASN A 121 22.01 10.06 -10.52
N GLU A 122 21.11 11.01 -10.31
CA GLU A 122 20.50 11.74 -11.41
C GLU A 122 21.20 13.07 -11.58
N ARG A 123 21.08 13.64 -12.79
CA ARG A 123 21.72 14.92 -13.10
C ARG A 123 20.90 15.62 -14.18
N LEU A 124 20.48 16.84 -13.90
CA LEU A 124 19.62 17.61 -14.80
C LEU A 124 20.29 18.95 -15.14
N VAL A 125 20.16 19.38 -16.39
CA VAL A 125 20.67 20.68 -16.80
C VAL A 125 19.63 21.35 -17.68
N TYR A 126 19.01 22.42 -17.16
CA TYR A 126 18.13 23.26 -17.96
C TYR A 126 18.93 24.37 -18.61
N THR A 127 18.56 24.71 -19.84
CA THR A 127 19.29 25.67 -20.65
C THR A 127 18.45 26.05 -21.88
N PRO A 128 18.60 27.26 -22.41
CA PRO A 128 17.80 27.62 -23.59
C PRO A 128 18.20 26.83 -24.83
N HIS A 129 17.24 26.70 -25.75
CA HIS A 129 17.49 26.04 -27.02
C HIS A 129 18.61 26.75 -27.77
N PRO A 130 19.55 26.02 -28.39
CA PRO A 130 20.70 26.68 -29.00
C PRO A 130 20.35 27.56 -30.18
N GLU A 131 19.45 27.12 -31.06
CA GLU A 131 18.70 28.05 -31.87
C GLU A 131 17.75 28.80 -30.95
N ASN A 132 17.54 30.09 -31.20
CA ASN A 132 16.86 30.96 -30.25
C ASN A 132 15.36 31.04 -30.52
N PRO A 133 14.52 30.41 -29.69
CA PRO A 133 13.09 30.46 -29.96
C PRO A 133 12.31 30.79 -28.70
N GLU A 134 13.01 31.33 -27.70
CA GLU A 134 12.47 31.52 -26.34
C GLU A 134 11.89 30.22 -25.79
N MET A 135 12.63 29.13 -25.98
CA MET A 135 12.25 27.81 -25.49
C MET A 135 13.43 27.16 -24.77
N THR A 136 13.11 26.28 -23.84
CA THR A 136 14.08 25.66 -22.94
C THR A 136 14.28 24.20 -23.28
N VAL A 137 15.52 23.72 -23.12
CA VAL A 137 15.86 22.31 -23.33
C VAL A 137 16.53 21.78 -22.07
N LEU A 138 16.05 20.64 -21.59
CA LEU A 138 16.56 19.98 -20.38
C LEU A 138 17.29 18.70 -20.77
N THR A 139 18.50 18.54 -20.26
CA THR A 139 19.31 17.36 -20.54
C THR A 139 19.50 16.53 -19.28
N GLN A 140 19.13 15.25 -19.36
CA GLN A 140 18.90 14.41 -18.19
C GLN A 140 19.73 13.13 -18.29
N GLU A 141 20.17 12.64 -17.14
CA GLU A 141 20.77 11.31 -17.05
C GLU A 141 20.63 10.77 -15.63
N ALA A 142 20.58 9.44 -15.53
CA ALA A 142 20.50 8.73 -14.26
C ALA A 142 21.54 7.61 -14.25
N ILE A 143 22.29 7.48 -13.15
CA ILE A 143 23.38 6.52 -13.05
C ILE A 143 23.08 5.62 -11.87
N ILE A 144 22.52 4.44 -12.14
CA ILE A 144 22.32 3.41 -11.12
C ILE A 144 23.62 2.65 -10.96
N THR A 145 24.16 2.65 -9.75
CA THR A 145 25.21 1.71 -9.40
C THR A 145 24.71 0.86 -8.25
N VAL A 146 25.23 -0.36 -8.16
CA VAL A 146 24.79 -1.28 -7.13
C VAL A 146 25.96 -2.18 -6.74
N LYS A 147 26.12 -2.38 -5.43
CA LYS A 147 26.95 -3.44 -4.90
C LYS A 147 26.05 -4.66 -4.68
N GLY A 148 26.57 -5.83 -5.02
CA GLY A 148 25.72 -7.01 -5.14
C GLY A 148 25.01 -6.95 -6.47
N ILE A 149 25.77 -6.67 -7.53
CA ILE A 149 25.27 -6.33 -8.85
C ILE A 149 24.49 -7.49 -9.45
N SER A 150 23.29 -7.74 -8.94
CA SER A 150 22.40 -8.77 -9.50
C SER A 150 21.57 -8.22 -10.65
N LEU A 151 20.70 -7.24 -10.35
CA LEU A 151 19.84 -6.59 -11.34
C LEU A 151 19.05 -7.57 -12.19
N GLY A 152 19.57 -7.89 -13.36
CA GLY A 152 18.74 -8.52 -14.37
C GLY A 152 18.11 -7.48 -15.28
N SER A 153 17.98 -7.84 -16.55
CA SER A 153 17.44 -6.88 -17.51
C SER A 153 16.01 -6.51 -17.18
N TYR A 154 15.24 -7.48 -16.68
CA TYR A 154 13.86 -7.22 -16.25
C TYR A 154 13.82 -6.18 -15.14
N LEU A 155 14.43 -6.50 -13.99
CA LEU A 155 14.50 -5.52 -12.90
C LEU A 155 15.04 -4.19 -13.38
N GLU A 156 16.12 -4.20 -14.18
CA GLU A 156 16.65 -2.94 -14.72
C GLU A 156 15.63 -2.22 -15.57
N SER A 157 14.89 -2.96 -16.42
CA SER A 157 13.83 -2.35 -17.21
C SER A 157 12.78 -1.72 -16.31
N LEU A 158 12.41 -2.41 -15.23
CA LEU A 158 11.56 -1.78 -14.23
C LEU A 158 12.16 -0.47 -13.78
N MET A 159 13.43 -0.50 -13.37
CA MET A 159 14.15 0.70 -12.95
C MET A 159 14.25 1.72 -14.07
N ALA A 160 14.56 1.27 -15.29
CA ALA A 160 14.54 2.19 -16.44
C ALA A 160 13.17 2.81 -16.62
N ASN A 161 12.11 2.05 -16.36
CA ASN A 161 10.76 2.57 -16.56
C ASN A 161 10.35 3.55 -15.48
N THR A 162 10.68 3.26 -14.21
CA THR A 162 10.27 4.18 -13.16
C THR A 162 11.12 5.45 -13.16
N ILE A 163 12.41 5.35 -13.48
CA ILE A 163 13.21 6.56 -13.71
C ILE A 163 12.56 7.41 -14.78
N SER A 164 12.18 6.79 -15.90
CA SER A 164 11.66 7.54 -17.02
C SER A 164 10.31 8.17 -16.73
N SER A 165 9.66 7.81 -15.62
CA SER A 165 8.36 8.38 -15.29
C SER A 165 8.51 9.60 -14.39
N ASN A 166 9.30 9.51 -13.30
CA ASN A 166 9.61 10.72 -12.54
C ASN A 166 10.19 11.79 -13.43
N ALA A 167 11.11 11.41 -14.32
CA ALA A 167 11.52 12.26 -15.41
C ALA A 167 10.29 12.93 -16.02
N LYS A 168 9.44 12.12 -16.67
CA LYS A 168 8.33 12.67 -17.45
C LYS A 168 7.31 13.36 -16.55
N LYS A 169 7.21 12.94 -15.29
CA LYS A 169 6.32 13.64 -14.38
C LYS A 169 6.93 14.95 -13.90
N GLY A 170 8.28 14.99 -13.83
CA GLY A 170 8.97 16.22 -13.48
C GLY A 170 8.70 17.34 -14.47
N TRP A 171 8.74 17.02 -15.75
CA TRP A 171 8.38 18.02 -16.76
C TRP A 171 6.94 18.47 -16.54
N ALA A 172 5.99 17.55 -16.61
CA ALA A 172 4.58 17.92 -16.41
C ALA A 172 4.42 18.76 -15.15
N ALA A 173 5.20 18.44 -14.11
CA ALA A 173 5.22 19.28 -12.91
C ALA A 173 5.66 20.70 -13.23
N ILE A 174 6.61 20.86 -14.16
CA ILE A 174 6.98 22.22 -14.57
C ILE A 174 5.79 22.90 -15.23
N GLU A 175 5.21 22.25 -16.24
CA GLU A 175 4.12 22.89 -16.97
C GLU A 175 2.97 23.24 -16.03
N TRP A 176 2.66 22.34 -15.09
CA TRP A 176 1.63 22.64 -14.12
C TRP A 176 1.96 23.89 -13.29
N ILE A 177 3.24 24.18 -13.10
CA ILE A 177 3.60 25.37 -12.34
C ILE A 177 3.59 26.61 -13.24
N ILE A 178 4.25 26.55 -14.40
CA ILE A 178 4.34 27.75 -15.23
C ILE A 178 3.01 28.13 -15.85
N GLU A 179 2.06 27.21 -15.93
CA GLU A 179 0.69 27.59 -16.20
C GLU A 179 -0.08 27.89 -14.92
N HIS A 180 0.59 28.53 -13.96
CA HIS A 180 -0.02 29.10 -12.78
C HIS A 180 0.78 30.36 -12.39
N MET B 1 13.87 -17.45 -12.10
CA MET B 1 14.04 -17.30 -13.53
C MET B 1 12.83 -16.66 -14.18
N LYS B 2 12.83 -16.65 -15.50
CA LYS B 2 11.62 -16.24 -16.21
C LYS B 2 10.57 -17.33 -16.02
N ILE B 3 9.32 -16.90 -15.89
CA ILE B 3 8.21 -17.83 -15.76
C ILE B 3 8.20 -18.79 -16.95
N GLU B 4 7.63 -19.98 -16.72
CA GLU B 4 7.54 -21.02 -17.73
C GLU B 4 6.38 -20.76 -18.67
N GLU B 5 6.68 -20.84 -19.96
CA GLU B 5 5.65 -20.67 -20.95
C GLU B 5 4.88 -21.98 -21.18
N GLY B 6 3.65 -21.85 -21.68
CA GLY B 6 2.80 -23.01 -21.85
C GLY B 6 2.34 -23.64 -20.55
N LYS B 7 2.48 -22.92 -19.44
CA LYS B 7 2.12 -23.38 -18.11
C LYS B 7 1.56 -22.18 -17.34
N LEU B 8 0.49 -22.43 -16.59
CA LEU B 8 -0.03 -21.45 -15.64
C LEU B 8 0.34 -21.90 -14.24
N VAL B 9 0.89 -20.97 -13.47
CA VAL B 9 1.32 -21.20 -12.11
C VAL B 9 0.56 -20.19 -11.28
N ILE B 10 0.03 -20.62 -10.14
CA ILE B 10 -0.96 -19.82 -9.42
C ILE B 10 -0.60 -19.84 -7.95
N TRP B 11 -0.61 -18.66 -7.34
CA TRP B 11 -0.42 -18.53 -5.90
C TRP B 11 -1.72 -18.08 -5.28
N ILE B 12 -2.14 -18.78 -4.24
CA ILE B 12 -3.30 -18.40 -3.48
C ILE B 12 -3.00 -18.78 -2.05
N ASN B 13 -3.58 -18.05 -1.11
CA ASN B 13 -3.25 -18.27 0.28
C ASN B 13 -3.69 -19.67 0.73
N GLY B 14 -2.89 -20.28 1.61
CA GLY B 14 -3.16 -21.63 2.10
C GLY B 14 -4.40 -21.77 2.97
N ASP B 15 -5.04 -20.66 3.35
CA ASP B 15 -6.29 -20.74 4.08
C ASP B 15 -7.49 -20.64 3.15
N LYS B 16 -7.26 -20.64 1.85
CA LYS B 16 -8.30 -20.54 0.84
C LYS B 16 -8.48 -21.90 0.18
N GLY B 17 -9.51 -22.03 -0.64
CA GLY B 17 -9.82 -23.33 -1.19
C GLY B 17 -8.96 -23.73 -2.35
N TYR B 18 -7.67 -24.00 -2.14
CA TYR B 18 -6.83 -24.21 -3.32
C TYR B 18 -7.04 -25.56 -3.97
N ASN B 19 -7.40 -26.61 -3.20
CA ASN B 19 -7.72 -27.89 -3.84
C ASN B 19 -8.89 -27.73 -4.79
N GLY B 20 -9.84 -26.86 -4.47
CA GLY B 20 -10.89 -26.51 -5.42
C GLY B 20 -10.35 -25.78 -6.63
N LEU B 21 -9.59 -24.70 -6.40
CA LEU B 21 -8.94 -23.97 -7.49
C LEU B 21 -8.13 -24.91 -8.37
N ALA B 22 -7.47 -25.89 -7.75
CA ALA B 22 -6.77 -26.93 -8.50
C ALA B 22 -7.70 -27.68 -9.42
N GLU B 23 -8.94 -27.87 -9.00
CA GLU B 23 -9.89 -28.62 -9.81
C GLU B 23 -10.42 -27.78 -10.97
N VAL B 24 -10.48 -26.46 -10.80
CA VAL B 24 -10.73 -25.59 -11.96
C VAL B 24 -9.56 -25.68 -12.92
N GLY B 25 -8.34 -25.70 -12.40
CA GLY B 25 -7.18 -25.87 -13.25
C GLY B 25 -7.21 -27.16 -14.04
N LYS B 26 -7.58 -28.26 -13.37
CA LYS B 26 -7.73 -29.53 -14.08
C LYS B 26 -8.76 -29.42 -15.20
N LYS B 27 -9.91 -28.77 -14.94
CA LYS B 27 -10.90 -28.59 -15.99
C LYS B 27 -10.31 -27.81 -17.16
N PHE B 28 -9.40 -26.88 -16.87
CA PHE B 28 -8.70 -26.09 -17.88
C PHE B 28 -7.76 -26.96 -18.71
N GLU B 29 -6.87 -27.68 -18.04
CA GLU B 29 -5.94 -28.57 -18.72
C GLU B 29 -6.68 -29.65 -19.50
N LYS B 30 -7.62 -30.37 -18.85
CA LYS B 30 -8.47 -31.33 -19.56
C LYS B 30 -9.04 -30.74 -20.85
N ASP B 31 -9.38 -29.44 -20.83
CA ASP B 31 -9.96 -28.74 -21.96
C ASP B 31 -8.89 -28.16 -22.89
N THR B 32 -8.02 -27.31 -22.37
CA THR B 32 -7.06 -26.62 -23.22
C THR B 32 -5.71 -27.34 -23.31
N GLY B 33 -5.52 -28.45 -22.61
CA GLY B 33 -4.25 -29.14 -22.65
C GLY B 33 -3.10 -28.36 -22.04
N ILE B 34 -3.41 -27.23 -21.41
CA ILE B 34 -2.42 -26.39 -20.76
C ILE B 34 -2.46 -26.69 -19.27
N LYS B 35 -1.36 -27.24 -18.76
CA LYS B 35 -1.26 -27.62 -17.35
C LYS B 35 -1.36 -26.39 -16.45
N VAL B 36 -1.92 -26.60 -15.24
CA VAL B 36 -2.07 -25.54 -14.25
C VAL B 36 -1.64 -26.05 -12.88
N THR B 37 -0.86 -25.22 -12.17
CA THR B 37 -0.21 -25.59 -10.92
C THR B 37 -0.65 -24.56 -9.88
N VAL B 38 -1.24 -25.03 -8.79
CA VAL B 38 -1.76 -24.15 -7.76
C VAL B 38 -0.96 -24.40 -6.51
N GLU B 39 -0.20 -23.40 -6.08
CA GLU B 39 0.56 -23.48 -4.86
C GLU B 39 0.03 -22.47 -3.87
N HIS B 40 0.45 -22.63 -2.62
CA HIS B 40 0.12 -21.69 -1.55
C HIS B 40 1.40 -21.46 -0.77
N PRO B 41 2.24 -20.54 -1.24
CA PRO B 41 3.48 -20.25 -0.50
C PRO B 41 3.15 -19.48 0.76
N ASP B 42 3.95 -19.70 1.79
CA ASP B 42 3.79 -18.93 3.01
C ASP B 42 4.18 -17.48 2.76
N LYS B 43 3.58 -16.59 3.56
CA LYS B 43 3.85 -15.17 3.45
C LYS B 43 3.78 -14.74 1.99
N LEU B 44 2.72 -15.20 1.34
CA LEU B 44 2.53 -15.02 -0.09
C LEU B 44 2.55 -13.55 -0.48
N GLU B 45 1.85 -12.71 0.29
CA GLU B 45 1.69 -11.31 -0.05
C GLU B 45 3.02 -10.53 -0.04
N GLU B 46 4.05 -11.08 0.59
CA GLU B 46 5.37 -10.46 0.56
C GLU B 46 6.28 -11.06 -0.49
N LYS B 47 6.18 -12.37 -0.74
CA LYS B 47 7.09 -13.03 -1.64
C LYS B 47 6.81 -12.71 -3.10
N PHE B 48 5.60 -12.29 -3.43
CA PHE B 48 5.31 -12.03 -4.84
C PHE B 48 6.17 -10.90 -5.40
N PRO B 49 6.20 -9.70 -4.81
CA PRO B 49 7.11 -8.67 -5.34
C PRO B 49 8.57 -9.09 -5.29
N GLN B 50 8.94 -9.87 -4.26
CA GLN B 50 10.31 -10.31 -4.11
C GLN B 50 10.83 -11.05 -5.34
N VAL B 51 9.95 -11.64 -6.13
CA VAL B 51 10.38 -12.41 -7.29
C VAL B 51 9.70 -11.93 -8.55
N ALA B 52 8.50 -11.37 -8.44
CA ALA B 52 7.87 -10.80 -9.62
C ALA B 52 8.56 -9.51 -10.06
N ALA B 53 9.47 -8.97 -9.24
CA ALA B 53 10.29 -7.84 -9.64
C ALA B 53 11.53 -8.27 -10.41
N THR B 54 12.03 -9.48 -10.15
CA THR B 54 13.13 -10.01 -10.93
C THR B 54 12.68 -10.74 -12.19
N GLY B 55 11.38 -10.74 -12.50
CA GLY B 55 10.85 -11.47 -13.64
C GLY B 55 10.33 -12.87 -13.33
N ASP B 56 10.36 -13.29 -12.07
CA ASP B 56 9.95 -14.58 -11.59
C ASP B 56 8.55 -14.48 -10.99
N GLY B 57 8.17 -15.45 -10.14
CA GLY B 57 6.87 -15.46 -9.51
C GLY B 57 5.85 -16.24 -10.31
N PRO B 58 4.61 -16.24 -9.84
CA PRO B 58 3.54 -16.97 -10.52
C PRO B 58 2.90 -16.13 -11.61
N ASP B 59 2.33 -16.82 -12.60
CA ASP B 59 1.53 -16.14 -13.60
C ASP B 59 0.37 -15.39 -12.97
N ILE B 60 -0.29 -15.99 -11.99
CA ILE B 60 -1.48 -15.44 -11.36
C ILE B 60 -1.25 -15.40 -9.86
N ILE B 61 -1.50 -14.24 -9.26
CA ILE B 61 -1.35 -14.01 -7.83
C ILE B 61 -2.75 -13.78 -7.26
N PHE B 62 -3.08 -14.46 -6.16
CA PHE B 62 -4.39 -14.41 -5.52
C PHE B 62 -4.23 -13.78 -4.15
N TRP B 63 -4.75 -12.57 -3.98
CA TRP B 63 -4.77 -11.93 -2.67
C TRP B 63 -5.91 -10.94 -2.64
N ALA B 64 -6.18 -10.42 -1.45
CA ALA B 64 -7.09 -9.28 -1.29
C ALA B 64 -6.60 -8.11 -2.14
N HIS B 65 -7.54 -7.25 -2.52
CA HIS B 65 -7.17 -6.12 -3.37
C HIS B 65 -6.20 -5.14 -2.69
N ASP B 66 -6.09 -5.14 -1.36
CA ASP B 66 -5.35 -4.08 -0.67
C ASP B 66 -3.84 -4.09 -0.99
N ARG B 67 -3.30 -5.22 -1.43
CA ARG B 67 -1.89 -5.31 -1.76
C ARG B 67 -1.61 -4.96 -3.22
N PHE B 68 -2.64 -4.99 -4.06
CA PHE B 68 -2.42 -4.96 -5.50
C PHE B 68 -2.06 -3.58 -6.02
N GLY B 69 -2.30 -2.50 -5.27
CA GLY B 69 -1.84 -1.20 -5.73
C GLY B 69 -0.33 -1.05 -5.63
N GLY B 70 0.22 -1.38 -4.47
CA GLY B 70 1.67 -1.47 -4.35
C GLY B 70 2.30 -2.26 -5.49
N TYR B 71 1.65 -3.33 -5.94
CA TYR B 71 2.21 -4.13 -7.01
C TYR B 71 2.14 -3.38 -8.34
N ALA B 72 0.98 -2.77 -8.61
CA ALA B 72 0.81 -2.03 -9.87
C ALA B 72 1.73 -0.81 -9.91
N GLN B 73 1.94 -0.17 -8.76
CA GLN B 73 2.86 0.95 -8.67
C GLN B 73 4.24 0.57 -9.19
N SER B 74 4.76 -0.55 -8.72
CA SER B 74 6.03 -1.07 -9.20
C SER B 74 5.83 -1.92 -10.45
N GLY B 75 4.76 -1.68 -11.19
CA GLY B 75 4.53 -2.34 -12.47
C GLY B 75 4.73 -3.84 -12.43
N LEU B 76 4.35 -4.49 -11.34
CA LEU B 76 4.41 -5.94 -11.25
C LEU B 76 3.20 -6.64 -11.88
N LEU B 77 2.16 -5.89 -12.23
CA LEU B 77 0.91 -6.49 -12.70
C LEU B 77 0.57 -6.01 -14.10
N ALA B 78 0.27 -6.95 -14.99
CA ALA B 78 -0.26 -6.56 -16.28
C ALA B 78 -1.63 -5.92 -16.12
N GLU B 79 -1.92 -4.99 -16.98
CA GLU B 79 -3.24 -4.38 -17.04
C GLU B 79 -4.23 -5.37 -17.65
N ILE B 80 -5.32 -5.66 -16.93
CA ILE B 80 -6.27 -6.66 -17.41
C ILE B 80 -7.28 -5.99 -18.32
N THR B 81 -7.69 -6.71 -19.37
CA THR B 81 -8.49 -6.12 -20.45
C THR B 81 -9.64 -7.04 -20.82
N PRO B 82 -10.63 -7.16 -19.94
CA PRO B 82 -11.84 -7.87 -20.32
C PRO B 82 -12.71 -6.97 -21.18
N ALA B 83 -13.61 -7.58 -21.94
CA ALA B 83 -14.56 -6.80 -22.71
C ALA B 83 -15.70 -6.32 -21.79
N ALA B 84 -16.47 -5.37 -22.32
CA ALA B 84 -17.55 -4.76 -21.55
C ALA B 84 -18.51 -5.79 -20.99
N ALA B 85 -18.95 -6.75 -21.83
CA ALA B 85 -19.91 -7.77 -21.41
C ALA B 85 -19.34 -8.75 -20.39
N PHE B 86 -18.01 -8.82 -20.23
CA PHE B 86 -17.51 -9.65 -19.15
C PHE B 86 -17.55 -8.92 -17.82
N GLN B 87 -17.29 -7.61 -17.82
CA GLN B 87 -17.37 -6.87 -16.56
C GLN B 87 -18.80 -6.62 -16.13
N ASP B 88 -19.79 -6.83 -17.01
CA ASP B 88 -21.19 -6.78 -16.57
C ASP B 88 -21.58 -7.97 -15.71
N LYS B 89 -20.84 -9.08 -15.80
CA LYS B 89 -21.07 -10.25 -14.97
C LYS B 89 -20.54 -10.09 -13.55
N LEU B 90 -19.71 -9.09 -13.28
CA LEU B 90 -19.15 -8.89 -11.96
C LEU B 90 -19.71 -7.60 -11.37
N TYR B 91 -19.95 -7.59 -10.06
CA TYR B 91 -20.46 -6.38 -9.42
C TYR B 91 -19.44 -5.26 -9.62
N PRO B 92 -19.88 -4.07 -10.02
CA PRO B 92 -18.92 -3.06 -10.45
C PRO B 92 -18.11 -2.47 -9.32
N PHE B 93 -18.59 -2.55 -8.08
CA PHE B 93 -17.80 -2.03 -6.97
C PHE B 93 -16.64 -2.94 -6.65
N THR B 94 -16.68 -4.18 -7.12
CA THR B 94 -15.52 -5.07 -7.00
C THR B 94 -14.42 -4.66 -7.97
N TRP B 95 -14.81 -4.39 -9.23
CA TRP B 95 -13.90 -3.76 -10.17
C TRP B 95 -13.29 -2.50 -9.57
N ASP B 96 -14.14 -1.60 -9.04
CA ASP B 96 -13.64 -0.45 -8.30
C ASP B 96 -12.48 -0.81 -7.38
N ALA B 97 -12.58 -1.93 -6.67
CA ALA B 97 -11.50 -2.33 -5.79
C ALA B 97 -10.23 -2.72 -6.56
N VAL B 98 -10.32 -2.97 -7.86
CA VAL B 98 -9.14 -3.39 -8.62
C VAL B 98 -8.79 -2.37 -9.73
N ARG B 99 -9.34 -1.15 -9.65
CA ARG B 99 -8.91 -0.06 -10.52
C ARG B 99 -7.86 0.74 -9.78
N TYR B 100 -6.62 0.67 -10.24
CA TYR B 100 -5.55 1.53 -9.76
C TYR B 100 -5.17 2.49 -10.88
N ASN B 101 -5.15 3.78 -10.56
CA ASN B 101 -4.85 4.82 -11.56
C ASN B 101 -5.71 4.63 -12.81
N GLY B 102 -6.99 4.35 -12.60
CA GLY B 102 -7.88 4.24 -13.75
C GLY B 102 -7.53 3.09 -14.66
N LYS B 103 -6.68 2.18 -14.21
CA LYS B 103 -6.39 0.95 -14.91
C LYS B 103 -6.81 -0.25 -14.05
N LEU B 104 -7.42 -1.24 -14.69
CA LEU B 104 -7.77 -2.48 -14.00
C LEU B 104 -6.55 -3.37 -13.90
N ILE B 105 -6.23 -3.80 -12.68
CA ILE B 105 -5.00 -4.54 -12.44
C ILE B 105 -5.24 -5.95 -11.93
N ALA B 106 -6.50 -6.39 -11.83
CA ALA B 106 -6.79 -7.72 -11.30
C ALA B 106 -8.22 -8.09 -11.65
N TYR B 107 -8.52 -9.38 -11.53
CA TYR B 107 -9.89 -9.84 -11.59
C TYR B 107 -10.40 -9.98 -10.17
N PRO B 108 -11.51 -9.33 -9.82
CA PRO B 108 -12.11 -9.56 -8.49
C PRO B 108 -12.79 -10.92 -8.42
N ILE B 109 -12.51 -11.66 -7.34
CA ILE B 109 -13.07 -12.99 -7.12
C ILE B 109 -14.26 -12.92 -6.16
N ALA B 110 -14.03 -12.49 -4.92
CA ALA B 110 -15.08 -12.54 -3.92
C ALA B 110 -14.83 -11.50 -2.82
N VAL B 111 -15.93 -10.91 -2.35
CA VAL B 111 -15.93 -10.01 -1.21
C VAL B 111 -15.82 -10.81 0.08
N GLU B 112 -14.88 -10.42 0.94
CA GLU B 112 -14.63 -11.08 2.21
C GLU B 112 -14.72 -10.07 3.34
N ALA B 113 -15.40 -10.44 4.42
CA ALA B 113 -15.32 -9.70 5.65
C ALA B 113 -15.24 -10.70 6.79
N LEU B 114 -14.86 -10.20 7.96
CA LEU B 114 -14.87 -11.00 9.18
C LEU B 114 -16.25 -10.94 9.82
N SER B 115 -16.70 -12.07 10.38
CA SER B 115 -17.92 -12.11 11.17
C SER B 115 -17.63 -12.80 12.49
N LEU B 116 -18.57 -12.65 13.40
CA LEU B 116 -18.51 -13.37 14.65
C LEU B 116 -19.00 -14.81 14.44
N ILE B 117 -18.32 -15.76 15.06
CA ILE B 117 -18.61 -17.19 14.91
C ILE B 117 -18.61 -17.77 16.31
N TYR B 118 -19.70 -18.40 16.69
CA TYR B 118 -19.88 -18.80 18.09
C TYR B 118 -20.49 -20.17 18.17
N ASN B 119 -20.19 -20.85 19.28
CA ASN B 119 -20.76 -22.15 19.58
C ASN B 119 -22.11 -21.95 20.29
N LYS B 120 -23.16 -22.54 19.70
CA LYS B 120 -24.52 -22.39 20.19
C LYS B 120 -24.81 -23.29 21.40
N ASP B 121 -24.33 -24.53 21.39
CA ASP B 121 -24.41 -25.36 22.58
C ASP B 121 -23.73 -24.68 23.76
N LEU B 122 -22.50 -24.19 23.54
CA LEU B 122 -21.79 -23.49 24.61
C LEU B 122 -22.45 -22.17 24.95
N LEU B 123 -23.06 -21.53 23.96
CA LEU B 123 -23.46 -20.13 24.08
C LEU B 123 -24.61 -19.90 23.10
N PRO B 124 -25.85 -20.04 23.56
CA PRO B 124 -26.99 -19.91 22.63
C PRO B 124 -27.24 -18.49 22.18
N ASN B 125 -26.76 -17.51 22.94
CA ASN B 125 -27.02 -16.08 22.68
C ASN B 125 -25.71 -15.30 22.65
N PRO B 126 -25.17 -15.02 21.47
CA PRO B 126 -23.83 -14.41 21.38
C PRO B 126 -23.83 -12.95 21.81
N PRO B 127 -22.81 -12.55 22.60
CA PRO B 127 -22.62 -11.14 22.99
C PRO B 127 -22.90 -10.15 21.88
N LYS B 128 -23.64 -9.12 22.21
CA LYS B 128 -23.84 -8.04 21.25
C LYS B 128 -22.77 -6.95 21.37
N THR B 129 -21.92 -7.03 22.40
CA THR B 129 -20.90 -6.01 22.65
C THR B 129 -19.62 -6.65 23.21
N TRP B 130 -18.49 -6.04 22.82
CA TRP B 130 -17.19 -6.47 23.32
C TRP B 130 -17.11 -6.35 24.84
N GLU B 131 -17.67 -5.29 25.40
CA GLU B 131 -17.47 -4.98 26.81
C GLU B 131 -18.09 -6.02 27.74
N GLU B 132 -19.00 -6.87 27.24
CA GLU B 132 -19.61 -7.94 28.00
C GLU B 132 -18.86 -9.27 27.89
N ILE B 133 -17.76 -9.31 27.15
CA ILE B 133 -17.04 -10.56 26.86
C ILE B 133 -16.19 -11.00 28.05
N PRO B 134 -15.51 -10.11 28.77
CA PRO B 134 -14.85 -10.55 30.02
C PRO B 134 -15.73 -11.41 30.91
N ALA B 135 -16.95 -10.96 31.18
CA ALA B 135 -17.87 -11.75 32.00
C ALA B 135 -18.13 -13.11 31.37
N LEU B 136 -18.59 -13.14 30.12
CA LEU B 136 -18.74 -14.36 29.34
C LEU B 136 -17.57 -15.31 29.54
N ASP B 137 -16.35 -14.76 29.54
CA ASP B 137 -15.16 -15.58 29.75
C ASP B 137 -15.07 -16.09 31.18
N LYS B 138 -15.37 -15.24 32.16
CA LYS B 138 -15.25 -15.65 33.56
C LYS B 138 -16.28 -16.72 33.90
N GLU B 139 -17.47 -16.66 33.29
CA GLU B 139 -18.50 -17.65 33.49
C GLU B 139 -18.21 -18.92 32.70
N LEU B 140 -17.60 -18.80 31.51
CA LEU B 140 -17.27 -20.00 30.76
C LEU B 140 -16.02 -20.67 31.30
N LYS B 141 -15.02 -19.89 31.72
CA LYS B 141 -13.80 -20.49 32.25
C LYS B 141 -14.10 -21.34 33.48
N ALA B 142 -15.19 -21.06 34.19
CA ALA B 142 -15.61 -21.93 35.29
C ALA B 142 -16.06 -23.31 34.82
N LYS B 143 -16.48 -23.46 33.57
CA LYS B 143 -16.78 -24.76 33.01
C LYS B 143 -15.65 -25.30 32.14
N GLY B 144 -14.41 -24.86 32.37
CA GLY B 144 -13.27 -25.31 31.60
C GLY B 144 -13.15 -24.75 30.20
N LYS B 145 -14.18 -24.09 29.68
CA LYS B 145 -14.16 -23.52 28.34
C LYS B 145 -13.71 -22.05 28.45
N SER B 146 -13.85 -21.29 27.37
CA SER B 146 -13.51 -19.86 27.41
C SER B 146 -14.35 -19.12 26.38
N ALA B 147 -14.34 -17.79 26.48
CA ALA B 147 -15.26 -17.01 25.68
C ALA B 147 -14.75 -16.81 24.25
N LEU B 148 -13.56 -16.24 24.08
CA LEU B 148 -13.13 -15.79 22.75
C LEU B 148 -11.66 -16.10 22.45
N MET B 149 -11.40 -16.30 21.14
CA MET B 149 -10.14 -16.86 20.61
C MET B 149 -10.14 -16.61 19.09
N PHE B 150 -9.32 -15.67 18.60
CA PHE B 150 -9.47 -15.44 17.17
C PHE B 150 -8.23 -15.29 16.29
N ASN B 151 -6.99 -15.14 16.82
CA ASN B 151 -5.73 -14.92 16.07
C ASN B 151 -5.22 -13.47 16.16
N LEU B 152 -4.40 -13.22 17.16
CA LEU B 152 -3.86 -11.90 17.41
C LEU B 152 -2.66 -11.57 16.53
N GLN B 153 -2.06 -12.58 15.90
CA GLN B 153 -0.86 -12.33 15.11
C GLN B 153 -1.13 -11.43 13.92
N GLU B 154 -2.22 -11.67 13.18
CA GLU B 154 -2.51 -10.80 12.04
C GLU B 154 -3.38 -9.63 12.48
N PRO B 155 -3.00 -8.39 12.14
CA PRO B 155 -3.85 -7.24 12.52
C PRO B 155 -5.21 -7.21 11.84
N TYR B 156 -5.37 -7.90 10.71
CA TYR B 156 -6.68 -7.99 10.06
C TYR B 156 -7.78 -8.31 11.06
N PHE B 157 -7.48 -9.17 12.03
CA PHE B 157 -8.49 -9.68 12.95
C PHE B 157 -8.79 -8.69 14.05
N THR B 158 -7.78 -8.01 14.56
CA THR B 158 -8.01 -7.11 15.68
C THR B 158 -8.40 -5.70 15.24
N TRP B 159 -8.40 -5.43 13.94
CA TRP B 159 -8.66 -4.10 13.39
C TRP B 159 -10.09 -3.61 13.55
N PRO B 160 -11.11 -4.46 13.35
CA PRO B 160 -12.48 -3.94 13.39
C PRO B 160 -12.84 -3.43 14.77
N LEU B 161 -12.13 -3.90 15.78
CA LEU B 161 -12.25 -3.37 17.14
C LEU B 161 -11.55 -2.02 17.26
N ILE B 162 -10.35 -1.89 16.69
CA ILE B 162 -9.64 -0.61 16.64
C ILE B 162 -10.44 0.41 15.84
N ALA B 163 -10.96 0.00 14.68
CA ALA B 163 -11.76 0.91 13.85
C ALA B 163 -13.08 1.29 14.51
N ALA B 164 -13.50 0.57 15.56
CA ALA B 164 -14.85 0.73 16.10
C ALA B 164 -15.08 2.14 16.60
N ASP B 165 -14.29 2.58 17.57
CA ASP B 165 -14.47 3.91 18.14
C ASP B 165 -13.75 5.00 17.34
N GLY B 166 -13.29 4.70 16.13
CA GLY B 166 -12.92 5.76 15.23
C GLY B 166 -11.52 5.72 14.64
N GLY B 167 -10.83 4.59 14.77
CA GLY B 167 -9.61 4.41 14.02
C GLY B 167 -9.89 4.21 12.55
N TYR B 168 -8.96 4.66 11.72
CA TYR B 168 -9.00 4.36 10.29
C TYR B 168 -7.58 4.18 9.80
N ALA B 169 -7.44 3.89 8.52
CA ALA B 169 -6.12 3.79 7.92
C ALA B 169 -5.67 5.17 7.46
N PHE B 170 -6.10 5.59 6.27
CA PHE B 170 -5.83 6.94 5.78
C PHE B 170 -7.14 7.62 5.50
N LYS B 171 -7.12 8.95 5.44
CA LYS B 171 -8.36 9.68 5.28
C LYS B 171 -8.72 9.76 3.81
N TYR B 172 -9.97 9.44 3.50
CA TYR B 172 -10.48 9.39 2.14
C TYR B 172 -11.40 10.57 1.91
N ALA B 173 -11.18 11.26 0.79
CA ALA B 173 -12.05 12.34 0.31
C ALA B 173 -11.54 12.73 -1.06
N ALA B 174 -12.43 13.34 -1.86
CA ALA B 174 -12.08 13.90 -3.17
C ALA B 174 -11.52 12.84 -4.12
N GLY B 175 -11.94 11.59 -3.96
CA GLY B 175 -11.43 10.52 -4.77
C GLY B 175 -10.03 10.07 -4.42
N LYS B 176 -9.47 10.56 -3.32
CA LYS B 176 -8.07 10.33 -2.98
C LYS B 176 -7.98 9.92 -1.52
N TYR B 177 -7.07 9.01 -1.22
CA TYR B 177 -6.68 8.71 0.16
C TYR B 177 -5.52 9.61 0.55
N ASP B 178 -5.66 10.31 1.65
CA ASP B 178 -4.58 11.17 2.12
C ASP B 178 -3.56 10.31 2.85
N ILE B 179 -2.50 9.92 2.14
CA ILE B 179 -1.48 9.08 2.78
C ILE B 179 -0.78 9.79 3.91
N LYS B 180 -0.89 11.12 4.00
CA LYS B 180 -0.25 11.87 5.09
C LYS B 180 -1.05 11.86 6.39
N ASP B 181 -2.35 11.54 6.33
CA ASP B 181 -3.27 11.54 7.49
C ASP B 181 -3.76 10.14 7.84
N VAL B 182 -3.34 9.65 9.01
CA VAL B 182 -3.50 8.27 9.43
C VAL B 182 -4.24 8.23 10.77
N GLY B 183 -5.42 7.63 10.77
CA GLY B 183 -6.16 7.49 12.01
C GLY B 183 -5.92 6.20 12.77
N VAL B 184 -4.68 5.96 13.19
CA VAL B 184 -4.35 4.80 14.01
C VAL B 184 -3.87 5.17 15.40
N ASP B 185 -3.63 6.46 15.69
CA ASP B 185 -3.22 6.87 17.03
C ASP B 185 -4.17 7.91 17.61
N ASN B 186 -5.43 7.89 17.20
CA ASN B 186 -6.39 8.81 17.78
C ASN B 186 -6.93 8.22 19.08
N ALA B 187 -7.93 8.88 19.67
CA ALA B 187 -8.53 8.37 20.89
C ALA B 187 -9.23 7.05 20.61
N GLY B 188 -10.01 7.01 19.55
CA GLY B 188 -10.79 5.84 19.21
C GLY B 188 -9.98 4.83 18.44
N ALA B 189 -8.73 4.65 18.84
CA ALA B 189 -7.89 3.57 18.36
C ALA B 189 -7.04 3.11 19.53
N LYS B 190 -6.63 4.07 20.37
CA LYS B 190 -6.02 3.71 21.64
C LYS B 190 -7.01 2.95 22.50
N ALA B 191 -8.27 3.38 22.50
CA ALA B 191 -9.28 2.78 23.36
C ALA B 191 -9.58 1.34 22.95
N GLY B 192 -9.57 1.06 21.65
CA GLY B 192 -9.87 -0.28 21.19
C GLY B 192 -8.75 -1.27 21.49
N LEU B 193 -7.52 -0.87 21.20
CA LEU B 193 -6.39 -1.71 21.55
C LEU B 193 -6.27 -1.89 23.05
N THR B 194 -6.46 -0.80 23.81
CA THR B 194 -6.41 -0.92 25.27
C THR B 194 -7.43 -1.90 25.77
N PHE B 195 -8.53 -2.07 25.04
CA PHE B 195 -9.50 -3.09 25.41
C PHE B 195 -8.93 -4.48 25.14
N LEU B 196 -8.58 -4.75 23.88
CA LEU B 196 -7.88 -5.98 23.53
C LEU B 196 -6.71 -6.23 24.49
N VAL B 197 -5.86 -5.22 24.70
CA VAL B 197 -4.70 -5.42 25.57
C VAL B 197 -5.18 -5.78 26.96
N ASP B 198 -6.28 -5.18 27.40
CA ASP B 198 -6.83 -5.49 28.71
C ASP B 198 -7.43 -6.88 28.74
N LEU B 199 -8.10 -7.29 27.65
CA LEU B 199 -8.48 -8.69 27.53
C LEU B 199 -7.28 -9.57 27.85
N ILE B 200 -6.18 -9.37 27.12
CA ILE B 200 -4.93 -10.06 27.41
C ILE B 200 -4.53 -9.83 28.86
N LYS B 201 -4.19 -8.57 29.20
CA LYS B 201 -3.73 -8.21 30.55
C LYS B 201 -4.56 -8.85 31.65
N ASN B 202 -5.82 -9.22 31.35
CA ASN B 202 -6.70 -9.82 32.35
C ASN B 202 -6.89 -11.34 32.15
N LYS B 203 -6.01 -11.98 31.39
CA LYS B 203 -6.07 -13.42 31.17
C LYS B 203 -7.36 -13.84 30.48
N HIS B 204 -8.08 -12.90 29.86
CA HIS B 204 -9.29 -13.28 29.16
C HIS B 204 -8.99 -13.81 27.77
N MET B 205 -7.95 -13.28 27.14
CA MET B 205 -7.44 -13.93 25.95
C MET B 205 -6.02 -14.43 26.17
N ASN B 206 -5.18 -14.35 25.15
CA ASN B 206 -3.81 -14.83 25.22
C ASN B 206 -3.02 -14.27 24.04
N ALA B 207 -1.89 -13.62 24.30
CA ALA B 207 -1.20 -12.85 23.27
C ALA B 207 -0.58 -13.74 22.18
N ASP B 208 -0.26 -14.98 22.51
CA ASP B 208 0.32 -15.94 21.58
C ASP B 208 -0.69 -16.56 20.62
N THR B 209 -1.96 -16.17 20.66
CA THR B 209 -2.98 -16.90 19.92
C THR B 209 -2.91 -16.55 18.44
N ASP B 210 -2.66 -17.55 17.60
CA ASP B 210 -2.61 -17.37 16.16
C ASP B 210 -3.83 -18.02 15.50
N TYR B 211 -3.76 -18.11 14.18
CA TYR B 211 -4.88 -18.64 13.40
C TYR B 211 -5.17 -20.08 13.78
N SER B 212 -4.12 -20.89 13.90
CA SER B 212 -4.29 -22.31 14.16
C SER B 212 -4.83 -22.55 15.58
N ILE B 213 -4.18 -21.96 16.58
CA ILE B 213 -4.63 -22.11 17.96
C ILE B 213 -6.12 -21.74 18.09
N ALA B 214 -6.50 -20.59 17.54
CA ALA B 214 -7.90 -20.16 17.67
C ALA B 214 -8.84 -21.07 16.89
N GLU B 215 -8.43 -21.51 15.69
CA GLU B 215 -9.27 -22.41 14.90
C GLU B 215 -9.42 -23.74 15.61
N ALA B 216 -8.31 -24.30 16.09
CA ALA B 216 -8.33 -25.57 16.81
C ALA B 216 -9.32 -25.54 17.96
N ALA B 217 -9.20 -24.53 18.84
CA ALA B 217 -9.99 -24.52 20.07
C ALA B 217 -11.49 -24.40 19.77
N PHE B 218 -11.88 -23.39 18.99
CA PHE B 218 -13.27 -23.20 18.67
C PHE B 218 -13.88 -24.47 18.11
N ASN B 219 -13.17 -25.08 17.15
CA ASN B 219 -13.66 -26.28 16.51
C ASN B 219 -13.77 -27.44 17.48
N LYS B 220 -12.79 -27.61 18.37
CA LYS B 220 -12.88 -28.68 19.36
C LYS B 220 -13.82 -28.31 20.53
N GLY B 221 -14.70 -27.33 20.35
CA GLY B 221 -15.60 -26.93 21.40
C GLY B 221 -14.94 -26.37 22.64
N GLU B 222 -13.69 -25.93 22.54
CA GLU B 222 -12.97 -25.44 23.71
C GLU B 222 -13.28 -23.98 24.01
N THR B 223 -13.67 -23.18 23.02
CA THR B 223 -13.97 -21.78 23.22
C THR B 223 -15.30 -21.47 22.57
N ALA B 224 -16.03 -20.53 23.16
CA ALA B 224 -17.41 -20.28 22.74
C ALA B 224 -17.50 -19.49 21.45
N MET B 225 -16.52 -18.65 21.14
CA MET B 225 -16.60 -17.78 19.97
C MET B 225 -15.24 -17.68 19.29
N THR B 226 -15.29 -17.34 18.00
CA THR B 226 -14.13 -16.96 17.22
C THR B 226 -14.51 -15.79 16.32
N ILE B 227 -13.49 -15.16 15.75
CA ILE B 227 -13.64 -14.19 14.66
C ILE B 227 -12.86 -14.76 13.50
N ASN B 228 -13.51 -14.87 12.35
CA ASN B 228 -12.83 -15.39 11.17
C ASN B 228 -13.75 -15.15 9.98
N GLY B 229 -13.29 -15.59 8.80
CA GLY B 229 -13.95 -15.24 7.56
C GLY B 229 -14.52 -16.45 6.84
N PRO B 230 -15.18 -16.22 5.71
CA PRO B 230 -15.91 -17.30 5.04
C PRO B 230 -15.08 -18.56 4.83
N TRP B 231 -13.83 -18.41 4.36
CA TRP B 231 -12.96 -19.55 4.11
C TRP B 231 -12.92 -20.53 5.28
N ALA B 232 -13.16 -20.05 6.51
CA ALA B 232 -13.05 -20.87 7.71
C ALA B 232 -14.27 -21.77 8.01
N TRP B 233 -15.38 -21.61 7.28
CA TRP B 233 -16.59 -22.33 7.62
C TRP B 233 -16.46 -23.81 7.33
N SER B 234 -15.76 -24.18 6.26
CA SER B 234 -15.83 -25.58 5.88
C SER B 234 -15.11 -26.50 6.85
N ASN B 235 -14.55 -25.99 7.94
CA ASN B 235 -13.90 -26.84 8.93
C ASN B 235 -14.72 -26.96 10.18
N ILE B 236 -15.56 -25.97 10.47
CA ILE B 236 -16.58 -26.12 11.49
C ILE B 236 -17.71 -27.01 10.98
N ASP B 237 -18.11 -26.80 9.73
CA ASP B 237 -19.05 -27.70 9.07
C ASP B 237 -18.63 -29.16 9.24
N THR B 238 -17.36 -29.46 8.94
CA THR B 238 -16.79 -30.77 9.20
C THR B 238 -16.31 -30.91 10.63
N SER B 239 -16.94 -30.19 11.56
CA SER B 239 -16.69 -30.33 12.99
C SER B 239 -18.02 -30.58 13.69
N ALA B 240 -17.94 -31.11 14.91
CA ALA B 240 -19.15 -31.33 15.68
C ALA B 240 -19.95 -30.05 15.85
N VAL B 241 -19.29 -28.90 15.87
CA VAL B 241 -19.88 -27.71 16.48
C VAL B 241 -21.09 -27.23 15.70
N ASN B 242 -22.10 -26.80 16.45
CA ASN B 242 -23.32 -26.21 15.91
C ASN B 242 -23.10 -24.70 15.99
N TYR B 243 -22.57 -24.14 14.92
CA TYR B 243 -22.10 -22.76 14.97
C TYR B 243 -23.15 -21.81 14.44
N GLY B 244 -22.98 -20.56 14.82
CA GLY B 244 -23.63 -19.45 14.14
C GLY B 244 -22.60 -18.44 13.66
N VAL B 245 -22.79 -17.97 12.44
CA VAL B 245 -22.07 -16.82 11.93
C VAL B 245 -23.00 -15.61 12.07
N THR B 246 -22.49 -14.53 12.63
CA THR B 246 -23.34 -13.40 12.96
C THR B 246 -22.53 -12.10 12.95
N VAL B 247 -23.27 -10.99 13.10
CA VAL B 247 -22.66 -9.68 13.16
C VAL B 247 -21.64 -9.64 14.29
N LEU B 248 -20.51 -8.97 14.02
CA LEU B 248 -19.51 -8.76 15.05
C LEU B 248 -20.13 -7.97 16.19
N PRO B 249 -19.55 -8.00 17.36
CA PRO B 249 -20.10 -7.16 18.43
C PRO B 249 -19.75 -5.69 18.22
N THR B 250 -20.01 -4.90 19.26
CA THR B 250 -19.82 -3.47 19.25
C THR B 250 -18.90 -3.10 20.40
N PHE B 251 -18.21 -1.97 20.22
CA PHE B 251 -17.29 -1.45 21.21
C PHE B 251 -17.67 -0.01 21.49
N LYS B 252 -17.81 0.32 22.77
CA LYS B 252 -18.27 1.65 23.17
C LYS B 252 -19.56 2.04 22.45
N GLY B 253 -20.38 1.03 22.13
CA GLY B 253 -21.66 1.25 21.50
C GLY B 253 -21.64 1.21 19.99
N GLN B 254 -20.47 1.34 19.38
CA GLN B 254 -20.22 1.38 17.96
C GLN B 254 -19.91 -0.01 17.42
N PRO B 255 -20.35 -0.32 16.19
CA PRO B 255 -20.05 -1.63 15.62
C PRO B 255 -18.58 -1.78 15.26
N SER B 256 -18.17 -3.03 15.10
CA SER B 256 -16.85 -3.35 14.63
C SER B 256 -16.81 -3.07 13.14
N LYS B 257 -15.78 -2.34 12.71
CA LYS B 257 -15.62 -1.94 11.30
C LYS B 257 -14.53 -2.80 10.66
N PRO B 258 -14.86 -3.94 10.06
CA PRO B 258 -13.83 -4.77 9.44
C PRO B 258 -13.32 -4.13 8.16
N PHE B 259 -12.05 -4.39 7.87
CA PHE B 259 -11.48 -3.98 6.59
C PHE B 259 -11.91 -5.01 5.55
N VAL B 260 -12.85 -4.63 4.69
CA VAL B 260 -13.39 -5.58 3.73
C VAL B 260 -12.35 -5.90 2.66
N GLY B 261 -12.19 -7.18 2.34
CA GLY B 261 -11.27 -7.63 1.30
C GLY B 261 -12.03 -8.11 0.07
N VAL B 262 -11.41 -7.95 -1.09
CA VAL B 262 -11.96 -8.48 -2.34
C VAL B 262 -10.88 -9.37 -2.95
N LEU B 263 -10.86 -10.65 -2.58
CA LEU B 263 -9.97 -11.62 -3.21
C LEU B 263 -9.90 -11.36 -4.70
N SER B 264 -8.68 -11.13 -5.18
CA SER B 264 -8.44 -10.69 -6.54
C SER B 264 -7.37 -11.58 -7.17
N ALA B 265 -7.50 -11.78 -8.46
CA ALA B 265 -6.56 -12.56 -9.26
C ALA B 265 -5.74 -11.59 -10.09
N GLY B 266 -4.45 -11.49 -9.78
CA GLY B 266 -3.55 -10.62 -10.50
C GLY B 266 -2.68 -11.43 -11.46
N ILE B 267 -2.61 -10.95 -12.69
CA ILE B 267 -1.67 -11.45 -13.67
C ILE B 267 -0.32 -10.76 -13.52
N ASN B 268 0.75 -11.53 -13.66
CA ASN B 268 2.10 -11.03 -13.40
C ASN B 268 2.63 -10.28 -14.61
N ALA B 269 3.24 -9.12 -14.37
CA ALA B 269 3.80 -8.35 -15.47
C ALA B 269 4.79 -9.18 -16.28
N ALA B 270 5.49 -10.11 -15.62
CA ALA B 270 6.53 -10.94 -16.20
C ALA B 270 6.01 -12.25 -16.80
N SER B 271 4.68 -12.43 -16.92
CA SER B 271 4.24 -13.77 -17.34
C SER B 271 4.19 -13.84 -18.86
N PRO B 272 4.82 -14.84 -19.48
CA PRO B 272 4.66 -15.01 -20.92
C PRO B 272 3.40 -15.81 -21.22
N ASN B 273 2.49 -15.91 -20.26
CA ASN B 273 1.25 -16.65 -20.44
C ASN B 273 0.03 -15.77 -20.21
N LYS B 274 0.15 -14.46 -20.46
CA LYS B 274 -0.92 -13.54 -20.12
C LYS B 274 -2.25 -13.93 -20.79
N GLU B 275 -2.24 -14.10 -22.10
CA GLU B 275 -3.44 -14.51 -22.81
C GLU B 275 -3.97 -15.86 -22.30
N LEU B 276 -3.11 -16.71 -21.76
CA LEU B 276 -3.54 -17.99 -21.20
C LEU B 276 -4.21 -17.81 -19.84
N ALA B 277 -3.79 -16.80 -19.08
CA ALA B 277 -4.36 -16.54 -17.77
C ALA B 277 -5.70 -15.81 -17.86
N LYS B 278 -5.85 -14.93 -18.86
CA LYS B 278 -7.15 -14.36 -19.13
C LYS B 278 -8.16 -15.46 -19.38
N GLU B 279 -7.83 -16.37 -20.31
CA GLU B 279 -8.73 -17.47 -20.63
C GLU B 279 -9.09 -18.28 -19.39
N PHE B 280 -8.11 -18.51 -18.52
CA PHE B 280 -8.38 -19.30 -17.32
C PHE B 280 -9.34 -18.57 -16.40
N LEU B 281 -9.06 -17.30 -16.11
CA LEU B 281 -9.83 -16.59 -15.10
C LEU B 281 -11.20 -16.19 -15.65
N GLU B 282 -11.26 -15.74 -16.90
CA GLU B 282 -12.53 -15.26 -17.43
C GLU B 282 -13.47 -16.41 -17.78
N ASN B 283 -12.94 -17.50 -18.36
CA ASN B 283 -13.76 -18.57 -18.93
C ASN B 283 -13.80 -19.85 -18.13
N TYR B 284 -13.06 -19.95 -17.10
CA TYR B 284 -13.13 -21.17 -16.31
C TYR B 284 -13.32 -20.87 -14.84
N LEU B 285 -12.66 -19.81 -14.34
CA LEU B 285 -12.78 -19.44 -12.93
C LEU B 285 -14.07 -18.69 -12.67
N LEU B 286 -14.24 -17.53 -13.28
CA LEU B 286 -15.44 -16.72 -13.04
C LEU B 286 -16.60 -17.30 -13.85
N THR B 287 -16.83 -18.58 -13.61
CA THR B 287 -18.05 -19.28 -13.99
C THR B 287 -18.63 -19.90 -12.72
N ASP B 288 -19.96 -20.03 -12.66
CA ASP B 288 -20.57 -20.68 -11.50
C ASP B 288 -19.94 -22.03 -11.21
N GLU B 289 -19.68 -22.81 -12.26
CA GLU B 289 -18.94 -24.06 -12.10
C GLU B 289 -17.55 -23.80 -11.53
N GLY B 290 -16.85 -22.79 -12.06
CA GLY B 290 -15.56 -22.45 -11.49
C GLY B 290 -15.66 -22.04 -10.03
N LEU B 291 -16.48 -21.04 -9.75
CA LEU B 291 -16.54 -20.48 -8.39
C LEU B 291 -17.08 -21.50 -7.39
N GLU B 292 -18.04 -22.33 -7.80
CA GLU B 292 -18.54 -23.38 -6.93
C GLU B 292 -17.43 -24.38 -6.62
N ALA B 293 -16.64 -24.76 -7.63
CA ALA B 293 -15.51 -25.64 -7.38
C ALA B 293 -14.64 -25.11 -6.24
N VAL B 294 -14.25 -23.83 -6.32
CA VAL B 294 -13.49 -23.21 -5.22
C VAL B 294 -14.32 -23.17 -3.95
N ASN B 295 -15.55 -22.64 -4.04
CA ASN B 295 -16.37 -22.35 -2.87
C ASN B 295 -16.76 -23.61 -2.08
N LYS B 296 -16.76 -24.78 -2.71
CA LYS B 296 -17.02 -26.03 -2.01
C LYS B 296 -15.81 -26.52 -1.23
N ASP B 297 -14.62 -26.03 -1.55
CA ASP B 297 -13.39 -26.40 -0.83
C ASP B 297 -13.36 -25.69 0.52
N LYS B 298 -13.13 -24.38 0.45
CA LYS B 298 -13.37 -23.41 1.49
C LYS B 298 -14.25 -22.32 0.90
N PRO B 299 -15.17 -21.77 1.69
CA PRO B 299 -16.09 -20.77 1.12
C PRO B 299 -15.38 -19.45 0.80
N LEU B 300 -15.78 -18.85 -0.34
CA LEU B 300 -15.23 -17.65 -0.94
C LEU B 300 -15.79 -16.35 -0.38
N GLY B 301 -16.89 -16.40 0.35
CA GLY B 301 -17.63 -15.20 0.68
C GLY B 301 -18.69 -14.91 -0.37
N ALA B 302 -19.03 -13.61 -0.46
CA ALA B 302 -19.95 -13.10 -1.48
C ALA B 302 -19.15 -12.94 -2.76
N VAL B 303 -19.34 -13.86 -3.71
CA VAL B 303 -18.54 -13.79 -4.92
C VAL B 303 -18.86 -12.51 -5.70
N ALA B 304 -17.89 -12.07 -6.51
CA ALA B 304 -18.05 -10.88 -7.35
C ALA B 304 -18.96 -11.13 -8.55
N LEU B 305 -19.30 -12.39 -8.81
CA LEU B 305 -19.98 -12.79 -10.03
C LEU B 305 -21.47 -12.89 -9.75
N LYS B 306 -22.25 -11.99 -10.37
CA LYS B 306 -23.65 -11.82 -10.02
C LYS B 306 -24.40 -13.15 -10.06
N SER B 307 -24.32 -13.85 -11.18
CA SER B 307 -25.12 -15.04 -11.43
C SER B 307 -24.94 -16.07 -10.32
N TYR B 308 -23.72 -16.23 -9.83
CA TYR B 308 -23.50 -17.20 -8.77
C TYR B 308 -23.80 -16.60 -7.40
N GLU B 309 -23.70 -15.28 -7.26
CA GLU B 309 -24.01 -14.64 -5.99
C GLU B 309 -25.49 -14.79 -5.61
N GLU B 310 -26.38 -14.98 -6.60
CA GLU B 310 -27.80 -15.14 -6.32
C GLU B 310 -28.06 -16.38 -5.48
N GLU B 311 -27.57 -17.54 -5.93
CA GLU B 311 -27.61 -18.74 -5.09
C GLU B 311 -26.86 -18.51 -3.78
N LEU B 312 -25.78 -17.73 -3.79
CA LEU B 312 -24.96 -17.59 -2.60
C LEU B 312 -25.62 -16.69 -1.56
N ALA B 313 -26.11 -15.53 -1.97
CA ALA B 313 -26.69 -14.57 -1.03
C ALA B 313 -27.91 -15.13 -0.26
N LYS B 314 -28.30 -16.38 -0.54
CA LYS B 314 -29.32 -17.02 0.28
C LYS B 314 -28.76 -17.57 1.60
N ASP B 315 -27.46 -17.86 1.65
CA ASP B 315 -26.81 -18.36 2.86
C ASP B 315 -26.89 -17.36 4.02
N PRO B 316 -27.46 -17.74 5.18
CA PRO B 316 -27.45 -16.85 6.36
C PRO B 316 -26.04 -16.48 6.79
N ARG B 317 -25.07 -17.29 6.37
CA ARG B 317 -23.69 -16.99 6.68
C ARG B 317 -23.17 -15.87 5.79
N ILE B 318 -23.52 -15.91 4.50
CA ILE B 318 -23.16 -14.80 3.60
C ILE B 318 -23.79 -13.51 4.08
N ALA B 319 -25.07 -13.57 4.44
CA ALA B 319 -25.76 -12.39 4.94
C ALA B 319 -25.01 -11.75 6.10
N ALA B 320 -24.36 -12.55 6.95
CA ALA B 320 -23.73 -11.99 8.15
C ALA B 320 -22.37 -11.43 7.81
N THR B 321 -21.68 -12.08 6.87
CA THR B 321 -20.48 -11.48 6.30
C THR B 321 -20.80 -10.11 5.70
N MET B 322 -21.87 -10.03 4.88
CA MET B 322 -22.26 -8.78 4.23
C MET B 322 -22.77 -7.74 5.23
N GLU B 323 -23.41 -8.20 6.31
CA GLU B 323 -23.74 -7.29 7.39
C GLU B 323 -22.49 -6.59 7.90
N ASN B 324 -21.46 -7.37 8.21
CA ASN B 324 -20.21 -6.85 8.74
C ASN B 324 -19.44 -6.07 7.67
N ALA B 325 -19.42 -6.60 6.44
CA ALA B 325 -18.76 -5.89 5.35
C ALA B 325 -19.37 -4.50 5.15
N GLN B 326 -20.69 -4.38 5.26
CA GLN B 326 -21.32 -3.07 5.16
C GLN B 326 -21.18 -2.25 6.43
N LYS B 327 -20.73 -2.83 7.53
CA LYS B 327 -20.40 -2.04 8.71
C LYS B 327 -18.93 -1.63 8.72
N GLY B 328 -18.14 -2.08 7.75
CA GLY B 328 -16.76 -1.67 7.63
C GLY B 328 -16.54 -0.92 6.34
N GLU B 329 -15.28 -0.71 5.97
CA GLU B 329 -14.92 -0.07 4.72
C GLU B 329 -14.17 -1.05 3.83
N ILE B 330 -14.27 -0.84 2.51
CA ILE B 330 -13.38 -1.56 1.61
C ILE B 330 -11.96 -1.10 1.91
N MET B 331 -11.03 -2.04 1.89
CA MET B 331 -9.63 -1.67 1.99
C MET B 331 -9.26 -0.80 0.80
N PRO B 332 -8.46 0.24 1.02
CA PRO B 332 -7.87 0.95 -0.12
C PRO B 332 -6.83 0.06 -0.80
N ASN B 333 -6.56 0.35 -2.07
CA ASN B 333 -5.49 -0.36 -2.76
C ASN B 333 -4.15 0.40 -2.83
N ILE B 334 -4.00 1.50 -2.10
CA ILE B 334 -2.83 2.37 -2.28
C ILE B 334 -1.55 1.71 -1.77
N PRO B 335 -0.39 1.99 -2.42
CA PRO B 335 0.88 1.33 -2.03
C PRO B 335 1.29 1.48 -0.57
N GLN B 336 0.67 2.39 0.15
CA GLN B 336 1.03 2.61 1.55
C GLN B 336 0.33 1.63 2.48
N MET B 337 -0.57 0.79 1.94
CA MET B 337 -1.25 -0.24 2.73
C MET B 337 -0.27 -1.07 3.53
N SER B 338 0.86 -1.46 2.90
CA SER B 338 1.81 -2.35 3.57
C SER B 338 2.50 -1.67 4.73
N ALA B 339 2.91 -0.41 4.58
CA ALA B 339 3.41 0.31 5.73
C ALA B 339 2.32 0.44 6.79
N PHE B 340 1.07 0.61 6.35
CA PHE B 340 -0.02 0.62 7.32
C PHE B 340 -0.13 -0.71 8.04
N TRP B 341 -0.26 -1.82 7.29
CA TRP B 341 -0.45 -3.11 7.95
C TRP B 341 0.76 -3.48 8.80
N TYR B 342 1.98 -3.13 8.36
CA TYR B 342 3.15 -3.44 9.16
C TYR B 342 3.12 -2.68 10.48
N ALA B 343 2.75 -1.40 10.43
CA ALA B 343 2.72 -0.58 11.64
C ALA B 343 1.70 -1.10 12.63
N VAL B 344 0.48 -1.37 12.15
CA VAL B 344 -0.53 -1.93 13.02
C VAL B 344 -0.10 -3.30 13.55
N ARG B 345 0.41 -4.15 12.66
CA ARG B 345 0.94 -5.44 13.10
C ARG B 345 1.90 -5.28 14.26
N THR B 346 2.88 -4.38 14.12
CA THR B 346 3.84 -4.13 15.20
C THR B 346 3.17 -3.59 16.45
N ALA B 347 2.34 -2.56 16.29
CA ALA B 347 1.69 -1.93 17.45
C ALA B 347 0.91 -2.95 18.29
N VAL B 348 -0.07 -3.61 17.66
CA VAL B 348 -0.93 -4.59 18.34
C VAL B 348 -0.09 -5.67 19.05
N ILE B 349 0.78 -6.36 18.29
CA ILE B 349 1.59 -7.43 18.86
C ILE B 349 2.47 -6.92 20.01
N ASN B 350 3.05 -5.73 19.86
CA ASN B 350 3.95 -5.22 20.89
C ASN B 350 3.17 -4.78 22.13
N ALA B 351 2.04 -4.08 21.93
CA ALA B 351 1.11 -3.83 23.02
C ALA B 351 0.62 -5.14 23.65
N ALA B 352 0.18 -6.09 22.82
CA ALA B 352 -0.33 -7.34 23.36
C ALA B 352 0.70 -8.06 24.23
N SER B 353 1.99 -7.90 23.91
CA SER B 353 3.07 -8.62 24.56
C SER B 353 3.66 -7.87 25.75
N GLY B 354 3.72 -6.53 25.69
CA GLY B 354 4.23 -5.73 26.78
C GLY B 354 5.50 -4.97 26.44
N ARG B 355 6.19 -5.36 25.37
CA ARG B 355 7.41 -4.64 24.98
C ARG B 355 7.12 -3.16 24.73
N GLN B 356 5.91 -2.85 24.27
CA GLN B 356 5.44 -1.50 24.11
C GLN B 356 4.09 -1.37 24.82
N THR B 357 3.92 -0.30 25.59
CA THR B 357 2.60 0.15 25.99
C THR B 357 1.77 0.54 24.76
N VAL B 358 0.48 0.81 24.98
CA VAL B 358 -0.41 1.08 23.85
C VAL B 358 -0.03 2.40 23.19
N ASP B 359 0.12 3.46 23.98
CA ASP B 359 0.43 4.76 23.39
C ASP B 359 1.77 4.73 22.66
N ALA B 360 2.76 4.06 23.26
CA ALA B 360 4.02 3.83 22.56
C ALA B 360 3.80 3.13 21.23
N ALA B 361 3.05 2.02 21.26
CA ALA B 361 2.82 1.22 20.06
C ALA B 361 2.17 2.04 18.93
N LEU B 362 1.18 2.88 19.25
CA LEU B 362 0.45 3.54 18.17
C LEU B 362 1.06 4.89 17.80
N ALA B 363 1.76 5.53 18.74
CA ALA B 363 2.69 6.58 18.34
C ALA B 363 3.62 6.05 17.25
N ALA B 364 4.40 5.00 17.57
CA ALA B 364 5.27 4.42 16.58
C ALA B 364 4.54 4.15 15.28
N ALA B 365 3.30 3.69 15.37
CA ALA B 365 2.56 3.33 14.17
C ALA B 365 2.03 4.55 13.44
N GLN B 366 1.67 5.62 14.18
CA GLN B 366 1.40 6.91 13.54
C GLN B 366 2.50 7.26 12.55
N THR B 367 3.76 7.27 13.01
CA THR B 367 4.85 7.74 12.15
C THR B 367 5.20 6.71 11.08
N ASN B 368 5.25 5.41 11.42
CA ASN B 368 5.61 4.38 10.43
C ASN B 368 4.59 4.26 9.30
N ALA B 369 3.37 4.71 9.51
CA ALA B 369 2.33 4.63 8.50
C ALA B 369 2.09 5.94 7.78
N ALA B 370 2.50 7.07 8.38
CA ALA B 370 2.09 8.40 7.90
C ALA B 370 2.69 8.73 6.55
N ALA B 371 3.98 8.49 6.36
CA ALA B 371 4.69 8.96 5.16
C ALA B 371 4.63 10.49 5.06
N ASN B 372 5.40 11.14 5.94
CA ASN B 372 5.42 12.59 6.02
C ASN B 372 6.75 13.14 5.51
N SER B 373 6.68 14.29 4.82
CA SER B 373 7.89 15.05 4.49
C SER B 373 8.63 15.42 5.77
N VAL B 374 9.97 15.31 5.73
CA VAL B 374 10.77 15.46 6.95
C VAL B 374 10.41 16.75 7.69
N GLY B 375 10.32 17.85 6.95
CA GLY B 375 9.97 19.13 7.52
C GLY B 375 8.49 19.48 7.45
N GLU B 376 7.62 18.48 7.66
CA GLU B 376 6.18 18.73 7.58
C GLU B 376 5.72 19.74 8.63
N ALA B 377 6.34 19.72 9.81
CA ALA B 377 5.96 20.65 10.87
C ALA B 377 6.13 22.10 10.45
N CYS B 378 7.08 22.36 9.55
CA CYS B 378 7.53 23.71 9.22
C CYS B 378 7.01 24.24 7.89
N THR B 379 6.11 23.50 7.23
CA THR B 379 5.58 23.92 5.93
C THR B 379 5.09 25.37 5.96
N ASP B 380 4.55 25.81 7.11
CA ASP B 380 4.03 27.17 7.22
C ASP B 380 5.14 28.20 7.17
N MET B 381 6.35 27.85 7.61
CA MET B 381 7.48 28.77 7.52
C MET B 381 8.18 28.70 6.18
N LYS B 382 8.17 27.53 5.54
CA LYS B 382 8.65 27.44 4.16
C LYS B 382 7.73 28.19 3.21
N ARG B 383 6.41 28.08 3.43
CA ARG B 383 5.44 28.77 2.57
C ARG B 383 5.68 30.27 2.57
N GLU B 384 6.01 30.84 3.74
CA GLU B 384 6.24 32.27 3.83
C GLU B 384 7.67 32.64 3.44
N TYR B 385 8.64 31.77 3.74
CA TYR B 385 9.91 31.84 3.02
C TYR B 385 9.64 31.82 1.52
N ASP B 386 9.33 30.64 0.97
CA ASP B 386 9.27 30.40 -0.48
C ASP B 386 8.72 31.62 -1.21
N GLN B 387 7.68 32.23 -0.64
CA GLN B 387 7.09 33.43 -1.24
C GLN B 387 8.10 34.56 -1.32
N CYS B 388 8.83 34.81 -0.24
CA CYS B 388 9.87 35.83 -0.25
C CYS B 388 10.93 35.50 -1.29
N PHE B 389 11.47 34.28 -1.25
CA PHE B 389 12.56 33.88 -2.14
C PHE B 389 12.15 33.92 -3.60
N ASN B 390 11.05 33.22 -3.95
CA ASN B 390 10.58 33.24 -5.32
C ASN B 390 10.43 34.67 -5.82
N ARG B 391 10.08 35.59 -4.93
CA ARG B 391 9.98 37.01 -5.28
C ARG B 391 11.37 37.62 -5.47
N TRP B 392 12.30 37.33 -4.56
CA TRP B 392 13.69 37.73 -4.74
C TRP B 392 14.28 37.08 -5.98
N PHE B 393 14.18 35.75 -6.05
CA PHE B 393 14.79 34.99 -7.14
C PHE B 393 14.31 35.47 -8.52
N ALA B 394 13.09 36.01 -8.59
CA ALA B 394 12.53 36.42 -9.87
C ALA B 394 12.93 37.84 -10.23
N GLU B 395 13.02 38.71 -9.24
CA GLU B 395 13.05 40.14 -9.48
C GLU B 395 14.39 40.79 -9.20
N LYS B 396 15.20 40.21 -8.32
CA LYS B 396 16.48 40.80 -7.95
C LYS B 396 17.62 39.81 -8.16
N PHE B 397 17.45 38.88 -9.10
CA PHE B 397 18.46 37.84 -9.29
C PHE B 397 18.46 37.31 -10.72
N LEU B 398 17.37 36.63 -11.11
CA LEU B 398 17.29 36.10 -12.46
C LEU B 398 17.48 37.20 -13.51
N LYS B 399 16.95 38.39 -13.27
CA LYS B 399 17.21 39.51 -14.15
C LYS B 399 18.45 40.31 -13.73
N GLY B 400 19.38 39.66 -13.04
CA GLY B 400 20.72 40.19 -12.84
C GLY B 400 21.02 40.75 -11.46
N ASP B 401 20.02 41.41 -10.85
CA ASP B 401 20.20 42.31 -9.71
C ASP B 401 21.06 41.69 -8.62
N SER B 402 21.75 42.57 -7.88
CA SER B 402 22.80 42.21 -6.95
C SER B 402 22.23 41.92 -5.56
N SER B 403 21.92 43.00 -4.82
CA SER B 403 21.67 43.04 -3.37
C SER B 403 21.40 41.66 -2.75
N GLY B 404 22.26 41.27 -1.81
CA GLY B 404 22.18 39.99 -1.14
C GLY B 404 20.79 39.65 -0.63
N ASP B 405 20.62 38.40 -0.22
CA ASP B 405 19.29 37.84 0.04
C ASP B 405 18.50 38.73 1.00
N PRO B 406 17.29 39.15 0.65
CA PRO B 406 16.41 39.84 1.60
C PRO B 406 15.59 38.90 2.47
N CYS B 407 15.74 37.58 2.33
CA CYS B 407 14.97 36.55 3.04
C CYS B 407 15.83 35.74 4.00
N THR B 408 16.85 36.35 4.57
CA THR B 408 17.73 35.60 5.45
C THR B 408 17.07 35.27 6.78
N ASP B 409 16.17 36.13 7.26
CA ASP B 409 15.58 35.95 8.58
C ASP B 409 14.62 34.76 8.61
N LEU B 410 13.64 34.75 7.70
CA LEU B 410 12.72 33.63 7.59
C LEU B 410 13.47 32.33 7.31
N PHE B 411 14.49 32.40 6.45
CA PHE B 411 15.25 31.19 6.12
C PHE B 411 15.79 30.53 7.37
N LYS B 412 16.50 31.32 8.18
CA LYS B 412 17.17 30.77 9.36
C LYS B 412 16.17 30.24 10.38
N ARG B 413 14.97 30.82 10.44
CA ARG B 413 13.94 30.27 11.32
C ARG B 413 13.46 28.92 10.82
N TYR B 414 13.13 28.83 9.53
CA TYR B 414 12.82 27.55 8.92
C TYR B 414 14.01 26.61 8.98
N GLN B 415 15.22 27.13 8.77
CA GLN B 415 16.42 26.31 8.92
C GLN B 415 16.53 25.70 10.31
N GLN B 416 15.88 26.32 11.30
CA GLN B 416 15.93 25.80 12.66
C GLN B 416 14.97 24.63 12.84
N CYS B 417 13.72 24.80 12.39
CA CYS B 417 12.78 23.68 12.44
C CYS B 417 13.31 22.49 11.66
N VAL B 418 13.71 22.72 10.40
CA VAL B 418 14.16 21.60 9.59
C VAL B 418 15.44 20.99 10.12
N GLN B 419 16.10 21.64 11.06
CA GLN B 419 17.29 21.05 11.61
C GLN B 419 16.99 20.27 12.89
N LYS B 420 16.02 20.73 13.68
CA LYS B 420 15.46 19.87 14.72
C LYS B 420 14.69 18.72 14.08
N ALA B 421 14.05 18.95 12.94
CA ALA B 421 13.29 17.91 12.25
C ALA B 421 14.18 16.72 11.89
N ILE B 422 15.27 17.00 11.17
CA ILE B 422 16.21 15.94 10.79
C ILE B 422 16.75 15.24 12.02
N LYS B 423 17.05 16.00 13.08
CA LYS B 423 17.71 15.40 14.24
C LYS B 423 16.81 14.39 14.93
N GLU B 424 15.50 14.65 14.97
CA GLU B 424 14.55 13.73 15.59
C GLU B 424 14.29 12.49 14.74
N LYS B 425 15.19 12.20 13.79
CA LYS B 425 15.06 11.09 12.86
C LYS B 425 16.45 10.58 12.48
N GLU B 426 16.94 10.97 11.30
CA GLU B 426 18.25 10.54 10.81
C GLU B 426 18.66 11.31 9.53
C2 BGC C . -7.56 -12.70 4.25
C3 BGC C . -6.70 -11.44 4.04
C4 BGC C . -6.10 -10.98 5.37
C5 BGC C . -5.44 -12.20 6.04
C6 BGC C . -5.02 -11.97 7.48
C1 BGC C . -6.50 -13.70 4.62
O1 BGC C . -6.91 -15.02 4.45
O2 BGC C . -8.23 -13.17 3.12
O3 BGC C . -7.27 -10.36 3.30
O4 BGC C . -5.04 -10.11 5.06
O5 BGC C . -6.20 -13.39 5.95
O6 BGC C . -4.16 -13.03 7.84
C1 GLC C . -5.31 -8.71 5.29
C2 GLC C . -4.76 -7.92 4.11
C3 GLC C . -3.25 -8.13 4.03
C4 GLC C . -2.58 -7.90 5.40
C5 GLC C . -3.32 -8.57 6.54
C6 GLC C . -2.80 -8.01 7.85
O2 GLC C . -5.36 -8.29 2.88
O3 GLC C . -2.74 -7.18 3.11
O4 GLC C . -1.25 -8.37 5.40
O5 GLC C . -4.67 -8.20 6.43
O6 GLC C . -3.20 -8.85 8.90
#